data_2AI2
#
_entry.id   2AI2
#
_cell.length_a   93.243
_cell.length_b   93.243
_cell.length_c   93.243
_cell.angle_alpha   90.00
_cell.angle_beta   90.00
_cell.angle_gamma   90.00
#
_symmetry.space_group_name_H-M   'P 21 3'
#
loop_
_entity.id
_entity.type
_entity.pdbx_description
1 polymer 'Purine nucleoside phosphorylase'
2 non-polymer 'MAGNESIUM ION'
3 non-polymer 'ZINC ION'
4 non-polymer TRIS-HYDROXYMETHYL-METHYL-AMMONIUM
5 non-polymer '((2S,3AS,4R,6S)-4-(HYDROXYMETHYL)-6-(4-OXO-4,5-DIHYDRO-3H-PYRROLO[3,2-D]PYRIMIDIN-7-YL)-TETRAHYDROFURO[3,4-D][1,3]DIOXO L-2-YL)METHYLPHOSPHONIC ACID'
6 water water
#
_entity_poly.entity_id   1
_entity_poly.type   'polypeptide(L)'
_entity_poly.pdbx_seq_one_letter_code
;MQNGYTYEDYQDTAKWLLSHTEQRPQVAVICGSGLGGLVNKLTQAQTFDYSEIPNFPESTVPGHAGRLVFGILNGRACVM
MQGRFHMYEGYPFWKVTFPVRVFRLLGVETLVVTNAAGGLNPNFEVGDIMLIRDHINLPGFSGENPLRGPNEERFGVRFP
AMSDAYDRDMRQKAHSTWKQMGEQRELQEGTYVMLGGPNFETVAECRLLRNLGADAVGMSTVPEVIVARHCGLRVFGFSL
ITNKVIMDYESQGKANHEEVLEAGKQAAQKLEQFVSLLMASIPVSGHTG
;
_entity_poly.pdbx_strand_id   A
#
loop_
_chem_comp.id
_chem_comp.type
_chem_comp.name
_chem_comp.formula
144 non-polymer TRIS-HYDROXYMETHYL-METHYL-AMMONIUM 'C4 H12 N O3 1'
MG non-polymer 'MAGNESIUM ION' 'Mg 2'
P1D non-polymer '((2S,3AS,4R,6S)-4-(HYDROXYMETHYL)-6-(4-OXO-4,5-DIHYDRO-3H-PYRROLO[3,2-D]PYRIMIDIN-7-YL)-TETRAHYDROFURO[3,4-D][1,3]DIOXO L-2-YL)METHYLPHOSPHONIC ACID' 'C13 H16 N3 O8 P'
ZN non-polymer 'ZINC ION' 'Zn 2'
#
# COMPACT_ATOMS: atom_id res chain seq x y z
N ASN A 3 -19.02 6.01 -8.24
CA ASN A 3 -17.72 6.26 -8.94
C ASN A 3 -17.87 7.47 -9.85
N GLY A 4 -16.93 8.40 -9.77
CA GLY A 4 -16.99 9.60 -10.59
C GLY A 4 -16.33 9.48 -11.96
N TYR A 5 -15.38 8.55 -12.09
CA TYR A 5 -14.68 8.35 -13.37
C TYR A 5 -15.40 7.40 -14.31
N THR A 6 -15.36 7.70 -15.61
CA THR A 6 -15.97 6.83 -16.61
C THR A 6 -14.89 5.85 -17.04
N TYR A 7 -15.29 4.76 -17.70
CA TYR A 7 -14.31 3.78 -18.17
C TYR A 7 -13.34 4.49 -19.10
N GLU A 8 -13.87 5.38 -19.94
CA GLU A 8 -13.07 6.13 -20.90
C GLU A 8 -11.99 6.99 -20.25
N ASP A 9 -12.27 7.54 -19.07
CA ASP A 9 -11.29 8.36 -18.37
C ASP A 9 -10.04 7.54 -18.07
N TYR A 10 -10.24 6.30 -17.62
CA TYR A 10 -9.13 5.40 -17.31
C TYR A 10 -8.32 5.13 -18.57
N GLN A 11 -9.01 4.80 -19.65
CA GLN A 11 -8.35 4.51 -20.93
C GLN A 11 -7.57 5.72 -21.44
N ASP A 12 -8.17 6.89 -21.32
CA ASP A 12 -7.54 8.13 -21.77
C ASP A 12 -6.22 8.37 -21.05
N THR A 13 -6.22 8.13 -19.74
CA THR A 13 -5.01 8.33 -18.92
C THR A 13 -3.96 7.28 -19.30
N ALA A 14 -4.38 6.05 -19.49
CA ALA A 14 -3.45 4.99 -19.86
C ALA A 14 -2.83 5.32 -21.22
N LYS A 15 -3.66 5.83 -22.13
CA LYS A 15 -3.19 6.19 -23.46
C LYS A 15 -2.14 7.28 -23.40
N TRP A 16 -2.38 8.29 -22.58
CA TRP A 16 -1.44 9.40 -22.42
C TRP A 16 -0.11 8.87 -21.92
N LEU A 17 -0.14 8.00 -20.91
CA LEU A 17 1.09 7.46 -20.36
C LEU A 17 1.86 6.61 -21.38
N LEU A 18 1.16 5.78 -22.13
CA LEU A 18 1.79 4.92 -23.13
C LEU A 18 2.47 5.70 -24.25
N SER A 19 1.93 6.87 -24.58
CA SER A 19 2.51 7.68 -25.64
C SER A 19 3.63 8.60 -25.15
N HIS A 20 3.80 8.71 -23.84
CA HIS A 20 4.85 9.56 -23.29
C HIS A 20 6.08 8.86 -22.74
N THR A 21 6.04 7.52 -22.71
CA THR A 21 7.20 6.75 -22.24
C THR A 21 7.24 5.42 -22.98
N GLU A 22 8.44 4.90 -23.20
CA GLU A 22 8.60 3.62 -23.87
C GLU A 22 8.51 2.48 -22.85
N GLN A 23 8.56 2.83 -21.57
CA GLN A 23 8.50 1.84 -20.49
C GLN A 23 7.16 1.11 -20.46
N ARG A 24 7.22 -0.20 -20.22
CA ARG A 24 6.04 -1.06 -20.16
C ARG A 24 6.16 -1.90 -18.89
N PRO A 25 5.70 -1.35 -17.76
CA PRO A 25 5.76 -2.01 -16.45
C PRO A 25 4.93 -3.28 -16.26
N GLN A 26 5.47 -4.20 -15.46
CA GLN A 26 4.77 -5.45 -15.14
C GLN A 26 4.41 -5.44 -13.65
N VAL A 27 5.08 -4.59 -12.90
CA VAL A 27 4.86 -4.47 -11.46
C VAL A 27 4.60 -3.02 -11.08
N ALA A 28 3.68 -2.80 -10.16
CA ALA A 28 3.39 -1.46 -9.67
C ALA A 28 3.68 -1.46 -8.18
N VAL A 29 4.28 -0.38 -7.69
CA VAL A 29 4.60 -0.26 -6.27
C VAL A 29 4.03 1.05 -5.74
N ILE A 30 3.20 0.95 -4.70
CA ILE A 30 2.65 2.16 -4.09
C ILE A 30 3.48 2.34 -2.83
N CYS A 31 4.35 3.34 -2.85
CA CYS A 31 5.27 3.59 -1.74
C CYS A 31 4.67 4.29 -0.53
N GLY A 32 4.61 3.56 0.58
CA GLY A 32 4.07 4.12 1.80
C GLY A 32 5.17 4.82 2.58
N SER A 33 4.89 5.18 3.82
CA SER A 33 5.85 5.86 4.67
C SER A 33 7.17 5.11 4.79
N GLY A 34 8.27 5.83 4.59
CA GLY A 34 9.59 5.23 4.68
C GLY A 34 10.14 4.67 3.39
N LEU A 35 9.30 4.53 2.37
CA LEU A 35 9.75 3.98 1.11
C LEU A 35 9.75 5.00 -0.03
N GLY A 36 9.54 6.26 0.30
CA GLY A 36 9.52 7.29 -0.73
C GLY A 36 10.80 7.39 -1.55
N GLY A 37 11.92 7.05 -0.93
CA GLY A 37 13.19 7.11 -1.64
C GLY A 37 13.48 6.00 -2.62
N LEU A 38 12.62 5.00 -2.69
CA LEU A 38 12.83 3.87 -3.60
C LEU A 38 12.90 4.26 -5.07
N VAL A 39 12.21 5.33 -5.46
CA VAL A 39 12.22 5.75 -6.85
C VAL A 39 13.62 6.14 -7.34
N ASN A 40 14.52 6.39 -6.40
CA ASN A 40 15.89 6.78 -6.73
C ASN A 40 16.77 5.60 -7.13
N LYS A 41 16.28 4.38 -6.92
CA LYS A 41 17.04 3.18 -7.25
C LYS A 41 16.72 2.63 -8.63
N LEU A 42 15.71 3.21 -9.28
CA LEU A 42 15.29 2.76 -10.61
C LEU A 42 16.27 3.21 -11.70
N THR A 43 16.50 2.35 -12.68
CA THR A 43 17.37 2.66 -13.81
C THR A 43 16.52 2.91 -15.05
N GLN A 44 17.05 3.70 -15.99
CA GLN A 44 16.33 4.05 -17.22
C GLN A 44 15.00 4.68 -16.82
N ALA A 45 15.02 5.35 -15.67
CA ALA A 45 13.84 5.98 -15.09
C ALA A 45 13.24 7.17 -15.84
N GLN A 46 11.94 7.33 -15.68
CA GLN A 46 11.22 8.45 -16.25
C GLN A 46 10.13 8.84 -15.26
N THR A 47 10.16 10.11 -14.86
CA THR A 47 9.21 10.63 -13.89
C THR A 47 8.15 11.57 -14.49
N PHE A 48 6.95 11.49 -13.93
CA PHE A 48 5.84 12.35 -14.33
C PHE A 48 5.22 12.86 -13.02
N ASP A 49 5.19 14.17 -12.82
CA ASP A 49 4.54 14.69 -11.60
C ASP A 49 3.06 14.34 -11.79
N TYR A 50 2.35 14.03 -10.70
CA TYR A 50 0.94 13.70 -10.85
C TYR A 50 0.20 14.84 -11.55
N SER A 51 0.65 16.07 -11.34
CA SER A 51 0.01 17.24 -11.94
C SER A 51 0.06 17.29 -13.46
N GLU A 52 0.98 16.56 -14.08
CA GLU A 52 1.05 16.57 -15.53
C GLU A 52 0.22 15.50 -16.22
N ILE A 53 -0.27 14.53 -15.43
CA ILE A 53 -1.07 13.43 -15.97
C ILE A 53 -2.58 13.70 -15.96
N PRO A 54 -3.21 13.74 -17.14
CA PRO A 54 -4.65 14.01 -17.21
C PRO A 54 -5.48 13.07 -16.32
N ASN A 55 -6.45 13.63 -15.60
CA ASN A 55 -7.36 12.88 -14.72
C ASN A 55 -6.81 12.44 -13.36
N PHE A 56 -5.50 12.51 -13.15
CA PHE A 56 -4.92 12.10 -11.88
C PHE A 56 -5.33 12.98 -10.69
N PRO A 57 -5.56 12.37 -9.52
CA PRO A 57 -5.94 13.17 -8.35
C PRO A 57 -4.76 14.04 -7.91
N GLU A 58 -5.04 15.10 -7.17
CA GLU A 58 -3.96 15.99 -6.70
C GLU A 58 -3.21 15.32 -5.55
N SER A 59 -1.94 15.66 -5.40
CA SER A 59 -1.13 15.09 -4.33
C SER A 59 -1.16 15.97 -3.09
N GLY A 66 3.80 14.57 -5.31
CA GLY A 66 3.44 13.26 -5.80
C GLY A 66 3.96 13.05 -7.21
N ARG A 67 4.63 11.93 -7.44
CA ARG A 67 5.19 11.63 -8.76
C ARG A 67 5.04 10.16 -9.13
N LEU A 68 4.86 9.90 -10.41
CA LEU A 68 4.72 8.55 -10.96
C LEU A 68 6.05 8.28 -11.66
N VAL A 69 6.77 7.25 -11.22
CA VAL A 69 8.07 6.96 -11.81
C VAL A 69 8.15 5.57 -12.43
N PHE A 70 8.54 5.52 -13.70
CA PHE A 70 8.71 4.27 -14.43
C PHE A 70 10.20 3.95 -14.47
N GLY A 71 10.55 2.67 -14.40
CA GLY A 71 11.96 2.30 -14.44
C GLY A 71 12.18 0.82 -14.15
N ILE A 72 13.44 0.41 -14.18
CA ILE A 72 13.79 -0.98 -13.91
C ILE A 72 14.39 -1.11 -12.51
N LEU A 73 13.92 -2.10 -11.76
CA LEU A 73 14.41 -2.35 -10.41
C LEU A 73 14.76 -3.83 -10.33
N ASN A 74 16.03 -4.11 -10.07
CA ASN A 74 16.51 -5.48 -9.96
C ASN A 74 15.94 -6.39 -11.06
N GLY A 75 16.04 -5.94 -12.30
CA GLY A 75 15.59 -6.72 -13.43
C GLY A 75 14.11 -6.72 -13.81
N ARG A 76 13.27 -6.00 -13.05
CA ARG A 76 11.85 -5.96 -13.35
C ARG A 76 11.39 -4.57 -13.77
N ALA A 77 10.51 -4.51 -14.78
CA ALA A 77 9.96 -3.26 -15.26
C ALA A 77 8.90 -2.85 -14.24
N CYS A 78 9.05 -1.66 -13.65
CA CYS A 78 8.13 -1.19 -12.62
C CYS A 78 7.58 0.21 -12.87
N VAL A 79 6.50 0.53 -12.17
CA VAL A 79 5.90 1.86 -12.20
C VAL A 79 5.59 2.09 -10.72
N MET A 80 6.10 3.19 -10.17
CA MET A 80 5.91 3.46 -8.76
C MET A 80 5.26 4.78 -8.44
N MET A 81 4.43 4.77 -7.40
CA MET A 81 3.77 5.96 -6.94
C MET A 81 4.56 6.49 -5.76
N GLN A 82 5.17 7.65 -5.91
CA GLN A 82 5.92 8.25 -4.82
C GLN A 82 4.90 9.18 -4.20
N GLY A 83 4.18 8.66 -3.20
CA GLY A 83 3.14 9.43 -2.54
C GLY A 83 1.81 8.83 -2.93
N ARG A 84 0.91 8.65 -1.96
CA ARG A 84 -0.40 8.08 -2.25
C ARG A 84 -1.51 9.02 -1.77
N PHE A 85 -2.76 8.61 -1.94
CA PHE A 85 -3.90 9.44 -1.55
C PHE A 85 -4.61 8.84 -0.33
N HIS A 86 -5.17 9.68 0.52
CA HIS A 86 -5.84 9.19 1.73
C HIS A 86 -7.25 9.71 1.91
N MET A 87 -8.11 8.86 2.45
CA MET A 87 -9.49 9.24 2.72
C MET A 87 -9.53 10.45 3.65
N TYR A 88 -8.61 10.52 4.61
CA TYR A 88 -8.63 11.64 5.55
C TYR A 88 -8.34 13.01 4.94
N GLU A 89 -7.83 13.02 3.72
CA GLU A 89 -7.54 14.29 3.04
C GLU A 89 -8.80 14.78 2.32
N GLY A 90 -9.86 13.97 2.35
CA GLY A 90 -11.10 14.34 1.71
C GLY A 90 -11.39 13.60 0.41
N TYR A 91 -10.48 12.73 0.00
CA TYR A 91 -10.64 11.97 -1.24
C TYR A 91 -11.60 10.79 -1.09
N PRO A 92 -12.53 10.62 -2.06
CA PRO A 92 -13.47 9.50 -2.02
C PRO A 92 -12.61 8.31 -2.46
N PHE A 93 -13.03 7.08 -2.13
CA PHE A 93 -12.21 5.94 -2.52
C PHE A 93 -12.05 5.73 -4.03
N TRP A 94 -13.00 6.22 -4.82
CA TRP A 94 -12.88 6.06 -6.27
C TRP A 94 -11.77 6.94 -6.81
N LYS A 95 -11.36 7.94 -6.04
CA LYS A 95 -10.26 8.81 -6.43
C LYS A 95 -8.96 8.21 -5.92
N VAL A 96 -8.96 7.80 -4.65
CA VAL A 96 -7.80 7.19 -4.01
C VAL A 96 -7.26 6.00 -4.81
N THR A 97 -8.17 5.22 -5.39
CA THR A 97 -7.77 4.04 -6.13
C THR A 97 -7.68 4.17 -7.66
N PHE A 98 -7.91 5.38 -8.18
CA PHE A 98 -7.84 5.61 -9.62
C PHE A 98 -6.60 5.00 -10.30
N PRO A 99 -5.40 5.25 -9.74
CA PRO A 99 -4.16 4.73 -10.34
C PRO A 99 -4.12 3.21 -10.49
N VAL A 100 -4.71 2.49 -9.55
CA VAL A 100 -4.68 1.03 -9.61
C VAL A 100 -5.32 0.51 -10.90
N ARG A 101 -6.46 1.06 -11.29
CA ARG A 101 -7.10 0.62 -12.52
C ARG A 101 -6.28 1.05 -13.74
N VAL A 102 -5.66 2.23 -13.66
CA VAL A 102 -4.82 2.67 -14.78
C VAL A 102 -3.67 1.69 -14.94
N PHE A 103 -3.07 1.26 -13.84
CA PHE A 103 -1.96 0.32 -13.90
C PHE A 103 -2.34 -0.98 -14.58
N ARG A 104 -3.56 -1.45 -14.32
CA ARG A 104 -4.04 -2.69 -14.93
C ARG A 104 -4.15 -2.52 -16.44
N LEU A 105 -4.66 -1.37 -16.87
CA LEU A 105 -4.80 -1.09 -18.30
C LEU A 105 -3.45 -0.95 -18.99
N LEU A 106 -2.42 -0.66 -18.22
CA LEU A 106 -1.06 -0.52 -18.76
C LEU A 106 -0.41 -1.88 -18.98
N GLY A 107 -0.95 -2.92 -18.35
CA GLY A 107 -0.39 -4.25 -18.49
C GLY A 107 0.22 -4.82 -17.22
N VAL A 108 0.14 -4.07 -16.13
CA VAL A 108 0.69 -4.51 -14.84
C VAL A 108 0.00 -5.78 -14.36
N GLU A 109 0.76 -6.66 -13.71
CA GLU A 109 0.22 -7.92 -13.22
C GLU A 109 0.31 -8.10 -11.71
N THR A 110 1.21 -7.36 -11.08
CA THR A 110 1.41 -7.46 -9.64
C THR A 110 1.46 -6.08 -8.98
N LEU A 111 0.82 -5.97 -7.83
CA LEU A 111 0.82 -4.72 -7.07
C LEU A 111 1.48 -4.93 -5.71
N VAL A 112 2.47 -4.10 -5.41
CA VAL A 112 3.15 -4.14 -4.13
C VAL A 112 2.70 -2.87 -3.41
N VAL A 113 2.11 -3.02 -2.22
CA VAL A 113 1.63 -1.87 -1.47
C VAL A 113 2.24 -1.86 -0.08
N THR A 114 2.71 -0.70 0.36
CA THR A 114 3.32 -0.60 1.69
C THR A 114 2.76 0.58 2.46
N ASN A 115 2.96 0.57 3.77
CA ASN A 115 2.49 1.65 4.62
C ASN A 115 3.22 1.67 5.96
N ALA A 116 2.86 2.65 6.77
CA ALA A 116 3.38 2.82 8.12
C ALA A 116 2.17 2.49 8.97
N ALA A 117 2.37 1.81 10.09
CA ALA A 117 1.25 1.47 10.95
C ALA A 117 1.62 1.40 12.43
N GLY A 118 0.61 1.55 13.27
CA GLY A 118 0.81 1.47 14.69
C GLY A 118 0.70 0.01 15.08
N GLY A 119 1.58 -0.44 15.97
CA GLY A 119 1.57 -1.82 16.38
C GLY A 119 0.56 -2.13 17.48
N LEU A 120 -0.31 -3.11 17.22
CA LEU A 120 -1.31 -3.53 18.19
C LEU A 120 -0.82 -4.80 18.87
N ASN A 121 -0.16 -5.66 18.09
CA ASN A 121 0.39 -6.91 18.62
C ASN A 121 1.46 -6.51 19.64
N PRO A 122 1.35 -7.00 20.88
CA PRO A 122 2.31 -6.68 21.94
C PRO A 122 3.75 -7.09 21.68
N ASN A 123 3.96 -8.02 20.76
CA ASN A 123 5.29 -8.50 20.45
C ASN A 123 6.04 -7.68 19.40
N PHE A 124 5.33 -6.75 18.76
CA PHE A 124 5.95 -5.91 17.75
C PHE A 124 6.79 -4.80 18.39
N GLU A 125 7.82 -4.37 17.68
CA GLU A 125 8.68 -3.30 18.16
C GLU A 125 8.84 -2.28 17.04
N VAL A 126 9.16 -1.04 17.40
CA VAL A 126 9.33 0.00 16.39
C VAL A 126 10.43 -0.42 15.42
N GLY A 127 10.15 -0.32 14.13
CA GLY A 127 11.14 -0.71 13.13
C GLY A 127 10.83 -2.04 12.49
N ASP A 128 9.97 -2.83 13.14
CA ASP A 128 9.60 -4.14 12.60
C ASP A 128 8.86 -4.00 11.28
N ILE A 129 8.96 -5.04 10.45
CA ILE A 129 8.26 -5.08 9.17
C ILE A 129 7.25 -6.19 9.32
N MET A 130 5.98 -5.89 9.03
CA MET A 130 4.93 -6.89 9.13
C MET A 130 4.30 -7.18 7.79
N LEU A 131 4.46 -8.41 7.30
CA LEU A 131 3.83 -8.78 6.04
C LEU A 131 2.34 -8.79 6.30
N ILE A 132 1.56 -8.25 5.37
CA ILE A 132 0.12 -8.24 5.53
C ILE A 132 -0.44 -9.55 5.00
N ARG A 133 -0.96 -10.37 5.90
CA ARG A 133 -1.55 -11.66 5.53
C ARG A 133 -3.06 -11.53 5.32
N ASP A 134 -3.65 -10.48 5.91
CA ASP A 134 -5.09 -10.28 5.82
C ASP A 134 -5.40 -8.85 6.29
N HIS A 135 -6.64 -8.42 6.11
CA HIS A 135 -7.03 -7.09 6.57
C HIS A 135 -8.46 -7.06 7.08
N ILE A 136 -8.78 -5.96 7.77
CA ILE A 136 -10.11 -5.72 8.29
C ILE A 136 -10.47 -4.35 7.75
N ASN A 137 -11.50 -4.27 6.92
CA ASN A 137 -11.91 -3.00 6.31
C ASN A 137 -13.07 -2.33 7.06
N LEU A 138 -12.75 -1.53 8.08
CA LEU A 138 -13.80 -0.87 8.86
C LEU A 138 -14.67 0.08 8.02
N PRO A 139 -14.08 0.92 7.16
CA PRO A 139 -14.94 1.80 6.37
C PRO A 139 -15.88 0.98 5.50
N GLY A 140 -15.40 -0.17 5.04
CA GLY A 140 -16.21 -1.03 4.20
C GLY A 140 -17.45 -1.57 4.89
N PHE A 141 -17.39 -1.76 6.21
CA PHE A 141 -18.55 -2.27 6.92
C PHE A 141 -19.73 -1.30 6.79
N SER A 142 -19.41 -0.01 6.65
CA SER A 142 -20.45 1.01 6.53
C SER A 142 -20.75 1.40 5.08
N GLY A 143 -20.20 0.66 4.12
CA GLY A 143 -20.47 0.98 2.73
C GLY A 143 -19.47 1.85 1.99
N GLU A 144 -18.52 2.43 2.71
CA GLU A 144 -17.49 3.27 2.09
C GLU A 144 -16.56 2.27 1.40
N ASN A 145 -16.77 2.10 0.10
CA ASN A 145 -16.00 1.11 -0.68
C ASN A 145 -15.76 1.62 -2.11
N PRO A 146 -14.53 1.48 -2.63
CA PRO A 146 -14.25 1.95 -3.99
C PRO A 146 -15.12 1.28 -5.05
N LEU A 147 -15.67 0.11 -4.72
CA LEU A 147 -16.51 -0.61 -5.68
C LEU A 147 -17.98 -0.22 -5.61
N ARG A 148 -18.33 0.65 -4.66
CA ARG A 148 -19.73 1.08 -4.54
C ARG A 148 -20.17 1.76 -5.83
N GLY A 149 -21.34 1.37 -6.30
CA GLY A 149 -21.89 1.92 -7.53
C GLY A 149 -22.06 0.81 -8.56
N PRO A 150 -22.56 1.11 -9.77
CA PRO A 150 -22.73 0.04 -10.75
C PRO A 150 -21.39 -0.60 -11.06
N ASN A 151 -21.37 -1.91 -11.21
CA ASN A 151 -20.13 -2.64 -11.49
C ASN A 151 -19.72 -2.56 -12.96
N GLU A 152 -18.42 -2.37 -13.17
CA GLU A 152 -17.86 -2.31 -14.52
C GLU A 152 -17.27 -3.68 -14.82
N GLU A 153 -18.02 -4.51 -15.55
CA GLU A 153 -17.57 -5.86 -15.89
C GLU A 153 -16.26 -5.92 -16.63
N ARG A 154 -15.87 -4.82 -17.28
CA ARG A 154 -14.62 -4.81 -18.02
C ARG A 154 -13.41 -4.84 -17.07
N PHE A 155 -13.67 -4.61 -15.79
CA PHE A 155 -12.61 -4.66 -14.79
C PHE A 155 -12.74 -5.94 -13.96
N GLY A 156 -13.94 -6.23 -13.48
CA GLY A 156 -14.14 -7.42 -12.66
C GLY A 156 -15.59 -7.74 -12.34
N VAL A 157 -15.80 -8.69 -11.44
CA VAL A 157 -17.15 -9.13 -11.07
C VAL A 157 -17.82 -8.26 -10.00
N ARG A 158 -19.14 -8.37 -9.92
CA ARG A 158 -19.94 -7.62 -8.94
C ARG A 158 -19.57 -7.94 -7.50
N PHE A 159 -19.41 -9.23 -7.21
CA PHE A 159 -19.09 -9.68 -5.84
C PHE A 159 -17.75 -10.41 -5.76
N PRO A 160 -16.64 -9.66 -5.77
CA PRO A 160 -15.33 -10.31 -5.70
C PRO A 160 -14.98 -10.83 -4.30
N ALA A 161 -14.32 -11.99 -4.24
CA ALA A 161 -13.91 -12.56 -2.96
C ALA A 161 -12.61 -11.89 -2.51
N MET A 162 -12.44 -11.76 -1.20
CA MET A 162 -11.24 -11.13 -0.65
C MET A 162 -10.47 -11.99 0.34
N SER A 163 -10.96 -13.19 0.62
CA SER A 163 -10.28 -14.06 1.58
C SER A 163 -8.89 -14.54 1.15
N ASP A 164 -8.58 -14.41 -0.13
CA ASP A 164 -7.28 -14.82 -0.65
C ASP A 164 -6.56 -13.64 -1.30
N ALA A 165 -6.83 -12.43 -0.81
CA ALA A 165 -6.25 -11.23 -1.38
C ALA A 165 -4.72 -11.13 -1.35
N TYR A 166 -4.11 -11.55 -0.25
CA TYR A 166 -2.65 -11.44 -0.14
C TYR A 166 -1.95 -12.73 -0.55
N ASP A 167 -1.35 -12.68 -1.74
CA ASP A 167 -0.65 -13.83 -2.34
C ASP A 167 0.20 -14.63 -1.36
N ARG A 168 -0.10 -15.93 -1.24
CA ARG A 168 0.62 -16.81 -0.34
C ARG A 168 2.07 -17.05 -0.77
N ASP A 169 2.28 -17.37 -2.04
CA ASP A 169 3.65 -17.63 -2.51
C ASP A 169 4.60 -16.46 -2.28
N MET A 170 4.15 -15.24 -2.55
CA MET A 170 5.01 -14.08 -2.34
C MET A 170 5.37 -13.88 -0.88
N ARG A 171 4.44 -14.19 0.02
CA ARG A 171 4.74 -14.07 1.44
C ARG A 171 5.75 -15.13 1.84
N GLN A 172 5.65 -16.30 1.24
CA GLN A 172 6.56 -17.40 1.54
C GLN A 172 7.98 -17.00 1.13
N LYS A 173 8.11 -16.44 -0.07
CA LYS A 173 9.41 -16.02 -0.59
C LYS A 173 9.98 -14.84 0.20
N ALA A 174 9.10 -14.01 0.75
CA ALA A 174 9.54 -12.85 1.53
C ALA A 174 10.37 -13.29 2.72
N HIS A 175 9.95 -14.38 3.36
CA HIS A 175 10.69 -14.88 4.50
C HIS A 175 12.06 -15.43 4.08
N SER A 176 12.12 -16.02 2.89
CA SER A 176 13.37 -16.57 2.37
C SER A 176 14.36 -15.43 2.10
N THR A 177 13.84 -14.36 1.49
CA THR A 177 14.66 -13.21 1.18
C THR A 177 15.19 -12.59 2.47
N TRP A 178 14.32 -12.55 3.49
CA TRP A 178 14.67 -11.98 4.79
C TRP A 178 15.87 -12.70 5.42
N LYS A 179 15.91 -14.02 5.31
CA LYS A 179 17.01 -14.80 5.87
C LYS A 179 18.31 -14.48 5.14
N GLN A 180 18.22 -14.30 3.82
CA GLN A 180 19.40 -13.99 3.01
C GLN A 180 19.97 -12.63 3.37
N MET A 181 19.11 -11.74 3.87
CA MET A 181 19.55 -10.40 4.28
C MET A 181 20.19 -10.50 5.65
N GLY A 182 19.97 -11.62 6.32
CA GLY A 182 20.53 -11.83 7.64
C GLY A 182 20.13 -10.79 8.67
N GLU A 183 18.84 -10.49 8.74
CA GLU A 183 18.34 -9.51 9.71
C GLU A 183 18.29 -10.11 11.11
N GLN A 184 18.44 -9.26 12.12
CA GLN A 184 18.41 -9.69 13.51
C GLN A 184 16.98 -9.97 13.95
N ARG A 185 16.10 -9.00 13.74
CA ARG A 185 14.70 -9.15 14.10
C ARG A 185 14.02 -10.07 13.08
N GLU A 186 13.03 -10.83 13.54
CA GLU A 186 12.30 -11.72 12.65
C GLU A 186 11.27 -10.92 11.86
N LEU A 187 10.89 -11.42 10.69
CA LEU A 187 9.91 -10.75 9.87
C LEU A 187 8.54 -11.10 10.44
N GLN A 188 7.78 -10.09 10.84
CA GLN A 188 6.45 -10.29 11.40
C GLN A 188 5.41 -10.51 10.31
N GLU A 189 4.25 -11.04 10.68
CA GLU A 189 3.18 -11.31 9.72
C GLU A 189 1.83 -11.31 10.43
N GLY A 190 0.92 -10.47 9.97
CA GLY A 190 -0.38 -10.42 10.62
C GLY A 190 -1.48 -9.68 9.88
N THR A 191 -2.49 -9.28 10.63
CA THR A 191 -3.66 -8.59 10.09
C THR A 191 -3.59 -7.08 10.25
N TYR A 192 -3.86 -6.37 9.16
CA TYR A 192 -3.85 -4.90 9.15
C TYR A 192 -5.28 -4.40 9.15
N VAL A 193 -5.59 -3.46 10.03
CA VAL A 193 -6.93 -2.90 10.07
C VAL A 193 -6.86 -1.44 9.63
N MET A 194 -7.78 -1.07 8.75
CA MET A 194 -7.80 0.29 8.24
C MET A 194 -8.97 1.08 8.82
N LEU A 195 -8.68 2.29 9.25
CA LEU A 195 -9.71 3.21 9.75
C LEU A 195 -9.44 4.53 9.05
N GLY A 196 -10.41 5.44 9.12
CA GLY A 196 -10.30 6.71 8.44
C GLY A 196 -9.26 7.74 8.85
N GLY A 197 -9.12 7.96 10.15
CA GLY A 197 -8.17 8.97 10.60
C GLY A 197 -8.81 10.34 10.45
N PRO A 198 -8.05 11.44 10.54
CA PRO A 198 -6.61 11.54 10.78
C PRO A 198 -6.08 11.52 12.21
N ASN A 199 -6.96 11.55 13.21
CA ASN A 199 -6.47 11.52 14.59
C ASN A 199 -5.97 10.12 14.96
N PHE A 200 -5.06 10.06 15.94
CA PHE A 200 -4.55 8.78 16.41
C PHE A 200 -5.60 8.22 17.37
N GLU A 201 -5.60 6.91 17.55
CA GLU A 201 -6.59 6.21 18.37
C GLU A 201 -6.51 6.43 19.89
N THR A 202 -7.67 6.33 20.55
CA THR A 202 -7.73 6.44 22.00
C THR A 202 -7.34 5.07 22.55
N VAL A 203 -7.09 4.98 23.84
CA VAL A 203 -6.74 3.70 24.46
C VAL A 203 -7.87 2.69 24.28
N ALA A 204 -9.10 3.14 24.51
CA ALA A 204 -10.26 2.26 24.37
C ALA A 204 -10.36 1.71 22.94
N GLU A 205 -10.12 2.58 21.96
CA GLU A 205 -10.18 2.13 20.57
C GLU A 205 -9.06 1.14 20.25
N CYS A 206 -7.88 1.37 20.81
CA CYS A 206 -6.76 0.46 20.56
C CYS A 206 -7.04 -0.92 21.17
N ARG A 207 -7.60 -0.93 22.37
CA ARG A 207 -7.92 -2.19 23.03
C ARG A 207 -8.97 -2.93 22.19
N LEU A 208 -9.91 -2.15 21.66
CA LEU A 208 -10.99 -2.67 20.82
C LEU A 208 -10.43 -3.32 19.55
N LEU A 209 -9.57 -2.60 18.84
CA LEU A 209 -9.00 -3.11 17.61
C LEU A 209 -8.17 -4.39 17.81
N ARG A 210 -7.45 -4.46 18.93
CA ARG A 210 -6.64 -5.64 19.19
C ARG A 210 -7.54 -6.85 19.44
N ASN A 211 -8.66 -6.62 20.11
CA ASN A 211 -9.62 -7.67 20.40
C ASN A 211 -10.37 -8.12 19.15
N LEU A 212 -10.32 -7.31 18.11
CA LEU A 212 -10.98 -7.65 16.85
C LEU A 212 -10.07 -8.59 16.07
N GLY A 213 -8.83 -8.74 16.55
CA GLY A 213 -7.88 -9.62 15.89
C GLY A 213 -6.84 -8.91 15.03
N ALA A 214 -6.79 -7.58 15.12
CA ALA A 214 -5.83 -6.82 14.32
C ALA A 214 -4.45 -6.76 14.96
N ASP A 215 -3.41 -6.76 14.12
CA ASP A 215 -2.02 -6.71 14.60
C ASP A 215 -1.40 -5.33 14.37
N ALA A 216 -1.91 -4.62 13.38
CA ALA A 216 -1.42 -3.28 13.07
C ALA A 216 -2.58 -2.42 12.57
N VAL A 217 -2.53 -1.12 12.86
CA VAL A 217 -3.57 -0.19 12.44
C VAL A 217 -3.03 0.97 11.60
N GLY A 218 -3.68 1.25 10.48
CA GLY A 218 -3.26 2.32 9.60
C GLY A 218 -4.44 3.00 8.91
N MET A 219 -4.14 4.00 8.07
CA MET A 219 -5.17 4.78 7.39
C MET A 219 -5.17 4.70 5.87
N SER A 220 -4.71 3.58 5.31
CA SER A 220 -4.64 3.44 3.86
C SER A 220 -4.64 1.97 3.42
N THR A 221 -4.09 1.75 2.22
CA THR A 221 -3.88 0.43 1.65
C THR A 221 -5.06 -0.47 1.27
N VAL A 222 -5.94 -0.74 2.23
CA VAL A 222 -7.08 -1.61 1.98
C VAL A 222 -7.89 -1.27 0.72
N PRO A 223 -8.23 0.02 0.52
CA PRO A 223 -9.00 0.37 -0.67
C PRO A 223 -8.28 -0.01 -1.96
N GLU A 224 -6.97 0.20 -1.98
CA GLU A 224 -6.14 -0.12 -3.13
C GLU A 224 -6.12 -1.62 -3.38
N VAL A 225 -6.03 -2.41 -2.31
CA VAL A 225 -6.03 -3.86 -2.42
C VAL A 225 -7.35 -4.38 -2.97
N ILE A 226 -8.47 -3.83 -2.49
CA ILE A 226 -9.78 -4.27 -2.96
C ILE A 226 -9.90 -4.04 -4.46
N VAL A 227 -9.54 -2.85 -4.93
CA VAL A 227 -9.62 -2.55 -6.36
C VAL A 227 -8.66 -3.41 -7.18
N ALA A 228 -7.48 -3.69 -6.64
CA ALA A 228 -6.49 -4.51 -7.33
C ALA A 228 -7.01 -5.94 -7.54
N ARG A 229 -7.54 -6.55 -6.48
CA ARG A 229 -8.06 -7.91 -6.60
C ARG A 229 -9.24 -7.95 -7.56
N HIS A 230 -10.08 -6.92 -7.52
CA HIS A 230 -11.23 -6.85 -8.41
C HIS A 230 -10.81 -6.92 -9.88
N CYS A 231 -9.71 -6.25 -10.23
CA CYS A 231 -9.29 -6.29 -11.63
C CYS A 231 -8.25 -7.36 -11.95
N GLY A 232 -8.06 -8.31 -11.03
CA GLY A 232 -7.17 -9.43 -11.26
C GLY A 232 -5.70 -9.36 -10.90
N LEU A 233 -5.27 -8.29 -10.25
CA LEU A 233 -3.88 -8.14 -9.88
C LEU A 233 -3.44 -9.02 -8.71
N ARG A 234 -2.21 -9.48 -8.75
CA ARG A 234 -1.62 -10.27 -7.69
C ARG A 234 -1.20 -9.18 -6.68
N VAL A 235 -1.38 -9.45 -5.39
CA VAL A 235 -1.06 -8.45 -4.36
C VAL A 235 -0.12 -8.89 -3.23
N PHE A 236 0.83 -8.01 -2.92
CA PHE A 236 1.78 -8.25 -1.82
C PHE A 236 1.88 -6.93 -1.06
N GLY A 237 1.81 -7.00 0.26
CA GLY A 237 1.91 -5.77 1.04
C GLY A 237 2.55 -5.99 2.40
N PHE A 238 3.03 -4.91 3.00
CA PHE A 238 3.61 -4.98 4.32
C PHE A 238 3.55 -3.62 5.01
N SER A 239 3.61 -3.65 6.33
CA SER A 239 3.57 -2.43 7.13
C SER A 239 4.85 -2.23 7.92
N LEU A 240 5.32 -0.99 8.00
CA LEU A 240 6.49 -0.67 8.80
C LEU A 240 5.88 -0.23 10.12
N ILE A 241 6.21 -0.92 11.21
CA ILE A 241 5.67 -0.55 12.52
C ILE A 241 6.44 0.66 13.02
N THR A 242 5.83 1.83 12.91
CA THR A 242 6.45 3.10 13.31
C THR A 242 6.25 3.47 14.78
N ASN A 243 5.31 2.81 15.45
CA ASN A 243 5.05 3.11 16.85
C ASN A 243 4.21 2.03 17.51
N LYS A 244 4.35 1.89 18.83
CA LYS A 244 3.56 0.92 19.57
C LYS A 244 2.41 1.70 20.16
N VAL A 245 1.17 1.39 19.77
CA VAL A 245 0.02 2.13 20.26
C VAL A 245 -0.15 2.04 21.79
N ILE A 246 -0.66 3.12 22.37
CA ILE A 246 -0.88 3.18 23.82
C ILE A 246 -2.08 2.31 24.20
N MET A 247 -1.84 1.31 25.05
CA MET A 247 -2.87 0.37 25.47
C MET A 247 -3.39 0.51 26.91
N ASP A 248 -2.86 1.46 27.67
CA ASP A 248 -3.33 1.65 29.04
C ASP A 248 -3.31 3.12 29.44
N TYR A 249 -4.00 3.43 30.54
CA TYR A 249 -4.11 4.79 31.02
C TYR A 249 -2.95 5.28 31.88
N GLU A 250 -2.20 4.35 32.47
CA GLU A 250 -1.07 4.74 33.31
C GLU A 250 0.19 4.98 32.48
N SER A 251 0.05 4.89 31.16
CA SER A 251 1.17 5.11 30.26
C SER A 251 1.37 6.60 29.99
N GLN A 252 2.64 7.02 29.91
CA GLN A 252 2.97 8.42 29.66
C GLN A 252 3.17 8.68 28.17
N GLY A 253 3.35 7.60 27.40
CA GLY A 253 3.55 7.74 25.97
C GLY A 253 2.35 8.32 25.25
N LYS A 254 2.57 8.78 24.03
CA LYS A 254 1.50 9.36 23.21
C LYS A 254 1.93 9.41 21.75
N ALA A 255 1.14 8.79 20.88
CA ALA A 255 1.46 8.78 19.47
C ALA A 255 1.68 10.20 18.96
N ASN A 256 2.67 10.37 18.08
CA ASN A 256 2.96 11.67 17.50
C ASN A 256 3.65 11.46 16.15
N HIS A 257 3.17 12.17 15.15
CA HIS A 257 3.67 12.06 13.79
C HIS A 257 5.16 12.34 13.62
N GLU A 258 5.72 13.18 14.48
CA GLU A 258 7.15 13.50 14.39
C GLU A 258 7.95 12.23 14.55
N GLU A 259 7.67 11.50 15.63
CA GLU A 259 8.36 10.23 15.90
C GLU A 259 8.09 9.20 14.81
N VAL A 260 6.87 9.19 14.29
CA VAL A 260 6.51 8.25 13.23
C VAL A 260 7.38 8.49 12.00
N LEU A 261 7.58 9.75 11.66
CA LEU A 261 8.39 10.11 10.50
C LEU A 261 9.84 9.67 10.70
N GLU A 262 10.35 9.87 11.92
CA GLU A 262 11.72 9.49 12.21
C GLU A 262 11.92 7.98 12.08
N ALA A 263 10.93 7.21 12.53
CA ALA A 263 11.03 5.75 12.42
C ALA A 263 11.12 5.37 10.95
N GLY A 264 10.39 6.10 10.11
CA GLY A 264 10.39 5.83 8.69
C GLY A 264 11.76 6.11 8.09
N LYS A 265 12.40 7.20 8.53
CA LYS A 265 13.71 7.55 8.03
C LYS A 265 14.73 6.49 8.45
N GLN A 266 14.63 6.01 9.68
CA GLN A 266 15.54 5.01 10.19
C GLN A 266 15.47 3.66 9.46
N ALA A 267 14.28 3.31 8.96
CA ALA A 267 14.09 2.04 8.27
C ALA A 267 14.23 2.13 6.75
N ALA A 268 14.35 3.35 6.24
CA ALA A 268 14.45 3.59 4.80
C ALA A 268 15.40 2.66 4.04
N GLN A 269 16.66 2.62 4.45
CA GLN A 269 17.64 1.78 3.78
C GLN A 269 17.24 0.31 3.78
N LYS A 270 16.71 -0.16 4.91
CA LYS A 270 16.29 -1.55 5.04
C LYS A 270 15.11 -1.86 4.12
N LEU A 271 14.11 -0.98 4.11
CA LEU A 271 12.92 -1.18 3.28
C LEU A 271 13.27 -1.21 1.80
N GLU A 272 14.14 -0.29 1.39
CA GLU A 272 14.54 -0.23 0.00
C GLU A 272 15.26 -1.49 -0.46
N GLN A 273 16.14 -2.01 0.39
CA GLN A 273 16.87 -3.24 0.05
C GLN A 273 15.89 -4.41 -0.03
N PHE A 274 15.01 -4.51 0.96
CA PHE A 274 14.01 -5.57 1.02
C PHE A 274 13.17 -5.62 -0.26
N VAL A 275 12.62 -4.48 -0.66
CA VAL A 275 11.80 -4.43 -1.86
C VAL A 275 12.59 -4.78 -3.12
N SER A 276 13.77 -4.20 -3.26
CA SER A 276 14.60 -4.46 -4.43
C SER A 276 14.85 -5.96 -4.58
N LEU A 277 15.17 -6.62 -3.47
CA LEU A 277 15.44 -8.05 -3.51
C LEU A 277 14.21 -8.90 -3.84
N LEU A 278 13.06 -8.53 -3.31
CA LEU A 278 11.85 -9.31 -3.56
C LEU A 278 11.31 -9.14 -4.99
N MET A 279 11.91 -8.26 -5.77
CA MET A 279 11.48 -8.08 -7.15
C MET A 279 11.69 -9.37 -7.93
N ALA A 280 12.74 -10.10 -7.57
CA ALA A 280 13.08 -11.34 -8.24
C ALA A 280 12.14 -12.49 -7.88
N SER A 281 11.33 -12.30 -6.84
CA SER A 281 10.39 -13.33 -6.41
C SER A 281 9.04 -13.20 -7.10
N ILE A 282 8.86 -12.11 -7.85
CA ILE A 282 7.61 -11.87 -8.55
C ILE A 282 7.53 -12.66 -9.86
MG MG B . -4.63 17.44 -12.94
ZN ZN C . 2.82 15.19 -24.73
C1 144 D . 6.95 18.34 -19.47
N 144 D . 7.55 19.00 -18.20
C2 144 D . 6.41 19.71 -17.47
O2 144 D . 5.30 18.86 -17.11
C3 144 D . 8.68 20.00 -18.55
O3 144 D . 8.17 21.10 -19.38
C4 144 D . 8.11 17.95 -17.24
O4 144 D . 9.08 17.06 -17.79
O3 P1D E . 2.01 4.94 4.96
P P1D E . 0.52 5.53 4.94
O4 P1D E . 0.24 6.22 3.52
O2 P1D E . -0.51 4.49 5.17
C1P P1D E . 0.41 6.84 6.19
C1 P1D E . -1.02 7.03 6.73
O3' P1D E . -1.06 8.28 7.46
O2' P1D E . -1.46 6.06 7.71
C2' P1D E . -1.18 6.55 9.04
C3' P1D E . -0.97 8.05 8.87
C4' P1D E . 0.43 8.37 9.40
C5' P1D E . 0.38 9.10 10.75
O5' P1D E . 1.68 9.21 11.33
O4' P1D E . 1.09 7.08 9.37
C1' P1D E . 0.13 6.04 9.65
C9 P1D E . 0.16 5.55 11.11
C8 P1D E . 1.29 5.41 11.81
N7 P1D E . 0.99 5.08 13.06
C5 P1D E . -0.33 5.00 13.19
C4 P1D E . -0.92 5.28 11.96
N3 P1D E . -2.25 5.31 11.76
C2 P1D E . -3.12 5.06 12.74
N1 P1D E . -2.60 4.75 14.02
C6 P1D E . -1.20 4.73 14.25
O6 P1D E . -0.79 4.53 15.39
#